data_4ZGR
#
_entry.id   4ZGR
#
_cell.length_a   144.370
_cell.length_b   135.800
_cell.length_c   44.890
_cell.angle_alpha   90.00
_cell.angle_beta   90.00
_cell.angle_gamma   90.00
#
_symmetry.space_group_name_H-M   'P 21 21 2'
#
loop_
_entity.id
_entity.type
_entity.pdbx_description
1 polymer 'rRNA N-glycosidase'
2 polymer 'rRNA N-glycosidase'
3 branched beta-D-galactopyranose-(1-3)-2-acetamido-2-deoxy-beta-D-galactopyranose
4 branched 2-acetamido-2-deoxy-beta-D-glucopyranose-(1-4)-2-acetamido-2-deoxy-beta-D-glucopyranose
5 branched alpha-L-fucopyranose-(1-3)-2-acetamido-2-deoxy-beta-D-glucopyranose
6 branched beta-D-mannopyranose-(1-4)-2-acetamido-2-deoxy-beta-D-glucopyranose
7 non-polymer 2-acetamido-2-deoxy-beta-D-glucopyranose
8 non-polymer GLYCEROL
9 non-polymer beta-D-xylopyranose
10 non-polymer alpha-D-mannopyranose
11 water water
#
loop_
_entity_poly.entity_id
_entity_poly.type
_entity_poly.pdbx_seq_one_letter_code
_entity_poly.pdbx_strand_id
1 'polypeptide(L)'
;NLSLSQSNFSADTYKSFIKNLRKQLTIGASYGSAGIPILKHSVPICERFLLVDLTNGDNETITLAINVEDAGFAAYRAAD
RSYFFQNAPPIASYVIFTDTNQNIMNFNNTFESIEIVGGTTRSETPLGIMHFEASIFHLFVHDENYVPTSFLVLIQMVLE
AAKFKFIEQKVIHSIMDMEDFTPGLAMLSLEENWTQLSLQLQASESLNGVFGDSVSLYNSMDEPIGVDSMYYPILTANMA
FQLYQCP
;
A
2 'polypeptide(L)'
;NEQCSPQQRTTRISGRDGLCVDVYGALTADGSRVILYPCGQQQNQQWTFYPDNTIRSLGKCLATSALSSGSNVVITNCDY
LRYDDGWMVSSSGTMMNKSSHLVLTANAATSRTNLTGENNVFAAKQAWRIGNYVEPIVTTIIGLRHMCLEATDNDTNVWL
ESCVKNKTKQYWALYSDDTIRVNNNRNLCVSSSTDSSSKLIVIRRCDGSINQRWVFTPQGTISNPGYEAVMDVAQNDVYL
KKIVLSSATDKGNGQQWTVFY
;
B
#
loop_
_chem_comp.id
_chem_comp.type
_chem_comp.name
_chem_comp.formula
BMA D-saccharide, beta linking beta-D-mannopyranose 'C6 H12 O6'
FUC L-saccharide, alpha linking alpha-L-fucopyranose 'C6 H12 O5'
GAL D-saccharide, beta linking beta-D-galactopyranose 'C6 H12 O6'
GOL non-polymer GLYCEROL 'C3 H8 O3'
MAN D-saccharide, alpha linking alpha-D-mannopyranose 'C6 H12 O6'
NAG D-saccharide, beta linking 2-acetamido-2-deoxy-beta-D-glucopyranose 'C8 H15 N O6'
NGA D-saccharide, beta linking 2-acetamido-2-deoxy-beta-D-galactopyranose 'C8 H15 N O6'
XYP D-saccharide, beta linking beta-D-xylopyranose 'C5 H10 O5'
#
# COMPACT_ATOMS: atom_id res chain seq x y z
N ASN A 1 0.82 -2.13 -29.43
CA ASN A 1 0.34 -2.46 -28.06
C ASN A 1 1.50 -2.58 -27.10
N LEU A 2 1.23 -2.20 -25.86
CA LEU A 2 2.14 -2.52 -24.77
C LEU A 2 2.45 -4.02 -24.84
N SER A 3 3.71 -4.39 -24.71
CA SER A 3 4.08 -5.79 -24.83
C SER A 3 5.21 -6.22 -23.92
N LEU A 4 5.18 -7.50 -23.60
CA LEU A 4 6.21 -8.16 -22.81
C LEU A 4 6.50 -9.46 -23.55
N SER A 5 7.78 -9.69 -23.81
CA SER A 5 8.21 -10.86 -24.57
C SER A 5 9.20 -11.70 -23.77
N GLN A 6 9.03 -13.01 -23.89
CA GLN A 6 9.95 -13.99 -23.30
C GLN A 6 11.41 -13.70 -23.65
N SER A 7 11.66 -13.27 -24.89
CA SER A 7 13.00 -12.97 -25.37
C SER A 7 13.70 -11.80 -24.67
N ASN A 8 12.95 -10.96 -23.98
CA ASN A 8 13.49 -9.78 -23.33
C ASN A 8 12.77 -9.63 -21.98
N PHE A 9 12.95 -10.64 -21.12
CA PHE A 9 12.21 -10.75 -19.85
C PHE A 9 13.15 -10.66 -18.65
N SER A 10 13.67 -9.48 -18.41
CA SER A 10 14.49 -9.25 -17.25
C SER A 10 13.66 -8.52 -16.20
N ALA A 11 14.24 -8.41 -15.02
CA ALA A 11 13.68 -7.64 -13.93
C ALA A 11 13.37 -6.21 -14.40
N ASP A 12 14.32 -5.61 -15.13
CA ASP A 12 14.18 -4.25 -15.63
C ASP A 12 13.06 -4.17 -16.64
N THR A 13 12.97 -5.10 -17.59
CA THR A 13 11.91 -4.98 -18.64
C THR A 13 10.53 -5.33 -18.06
N TYR A 14 10.48 -6.29 -17.15
CA TYR A 14 9.23 -6.61 -16.46
C TYR A 14 8.75 -5.40 -15.66
N LYS A 15 9.62 -4.81 -14.88
CA LYS A 15 9.26 -3.63 -14.08
C LYS A 15 8.73 -2.48 -14.97
N SER A 16 9.39 -2.21 -16.08
CA SER A 16 8.91 -1.19 -17.04
C SER A 16 7.54 -1.52 -17.64
N PHE A 17 7.35 -2.76 -18.01
CA PHE A 17 6.06 -3.20 -18.52
C PHE A 17 4.90 -2.97 -17.51
N ILE A 18 5.12 -3.38 -16.27
CA ILE A 18 4.11 -3.18 -15.22
C ILE A 18 3.87 -1.70 -14.93
N LYS A 19 4.94 -0.91 -14.85
CA LYS A 19 4.84 0.53 -14.68
C LYS A 19 4.00 1.17 -15.81
N ASN A 20 4.29 0.78 -17.05
CA ASN A 20 3.54 1.29 -18.22
C ASN A 20 2.11 0.83 -18.24
N LEU A 21 1.87 -0.43 -17.88
CA LEU A 21 0.51 -0.95 -17.77
C LEU A 21 -0.32 -0.15 -16.74
N ARG A 22 0.25 0.09 -15.56
CA ARG A 22 -0.41 0.93 -14.56
C ARG A 22 -0.73 2.33 -15.12
N LYS A 23 0.23 2.94 -15.80
CA LYS A 23 0.03 4.26 -16.37
C LYS A 23 -1.11 4.26 -17.36
N GLN A 24 -1.15 3.26 -18.24
CA GLN A 24 -2.22 3.17 -19.22
C GLN A 24 -3.58 2.94 -18.59
N LEU A 25 -3.65 2.08 -17.58
CA LEU A 25 -4.90 1.82 -16.88
C LEU A 25 -5.44 3.03 -16.11
N THR A 26 -4.54 3.88 -15.65
CA THR A 26 -4.91 5.02 -14.81
C THR A 26 -5.06 6.33 -15.57
N ILE A 27 -5.00 6.30 -16.90
CA ILE A 27 -5.37 7.49 -17.68
C ILE A 27 -6.80 7.86 -17.32
N GLY A 28 -7.02 9.13 -16.98
CA GLY A 28 -8.35 9.60 -16.56
C GLY A 28 -8.85 9.08 -15.21
N ALA A 29 -7.96 8.53 -14.38
CA ALA A 29 -8.36 8.04 -13.06
C ALA A 29 -8.80 9.19 -12.17
N SER A 30 -9.63 8.92 -11.18
CA SER A 30 -9.90 9.91 -10.12
C SER A 30 -9.03 9.62 -8.87
N TYR A 31 -8.92 10.61 -7.99
CA TYR A 31 -8.05 10.54 -6.84
C TYR A 31 -8.80 11.00 -5.61
N GLY A 32 -8.57 10.29 -4.50
CA GLY A 32 -9.05 10.71 -3.19
C GLY A 32 -7.91 11.12 -2.30
N SER A 33 -8.22 11.28 -1.02
CA SER A 33 -7.25 11.62 0.04
C SER A 33 -6.06 10.72 0.10
N ALA A 34 -6.28 9.43 -0.12
CA ALA A 34 -5.20 8.46 -0.10
C ALA A 34 -4.21 8.67 -1.23
N GLY A 35 -4.60 9.32 -2.33
CA GLY A 35 -3.70 9.53 -3.45
C GLY A 35 -3.47 8.28 -4.30
N ILE A 36 -4.34 7.27 -4.16
CA ILE A 36 -4.24 6.04 -4.95
C ILE A 36 -5.24 6.17 -6.08
N PRO A 37 -4.76 6.11 -7.34
CA PRO A 37 -5.69 6.32 -8.46
C PRO A 37 -6.83 5.32 -8.50
N ILE A 38 -8.03 5.82 -8.81
CA ILE A 38 -9.24 5.02 -8.87
C ILE A 38 -9.58 4.87 -10.38
N LEU A 39 -9.67 3.63 -10.85
CA LEU A 39 -9.93 3.33 -12.24
C LEU A 39 -11.20 4.01 -12.74
N LYS A 40 -11.24 4.23 -14.05
CA LYS A 40 -12.43 4.83 -14.70
C LYS A 40 -13.66 3.95 -14.55
N HIS A 41 -14.81 4.60 -14.59
CA HIS A 41 -16.08 3.90 -14.53
C HIS A 41 -17.04 4.43 -15.61
N SER A 42 -18.06 3.66 -15.93
CA SER A 42 -19.05 4.00 -16.97
C SER A 42 -18.37 4.34 -18.29
N VAL A 43 -17.41 3.50 -18.69
CA VAL A 43 -16.61 3.78 -19.87
C VAL A 43 -17.39 3.21 -21.07
N PRO A 44 -17.60 4.03 -22.12
CA PRO A 44 -18.26 3.52 -23.35
C PRO A 44 -17.57 2.26 -23.84
N ILE A 45 -18.34 1.28 -24.28
CA ILE A 45 -17.79 -0.02 -24.64
C ILE A 45 -16.65 0.07 -25.65
N CYS A 46 -16.76 0.97 -26.60
CA CYS A 46 -15.71 1.20 -27.58
C CYS A 46 -14.37 1.65 -27.02
N GLU A 47 -14.32 2.18 -25.82
CA GLU A 47 -13.07 2.62 -25.24
C GLU A 47 -12.73 1.80 -24.00
N ARG A 48 -13.39 0.69 -23.79
CA ARG A 48 -13.29 0.03 -22.50
C ARG A 48 -12.12 -0.95 -22.41
N PHE A 49 -11.42 -1.19 -23.52
CA PHE A 49 -10.42 -2.27 -23.56
C PHE A 49 -9.03 -1.76 -23.90
N LEU A 50 -8.05 -2.20 -23.12
CA LEU A 50 -6.66 -1.93 -23.35
C LEU A 50 -6.05 -3.26 -23.82
N LEU A 51 -5.38 -3.24 -24.96
CA LEU A 51 -4.79 -4.44 -25.54
C LEU A 51 -3.33 -4.55 -25.17
N VAL A 52 -2.93 -5.76 -24.79
CA VAL A 52 -1.58 -6.04 -24.39
C VAL A 52 -1.09 -7.31 -25.11
N ASP A 53 0.13 -7.25 -25.67
CA ASP A 53 0.73 -8.40 -26.39
C ASP A 53 1.75 -9.12 -25.52
N LEU A 54 1.60 -10.43 -25.43
CA LEU A 54 2.55 -11.27 -24.75
C LEU A 54 3.11 -12.25 -25.78
N THR A 55 4.44 -12.38 -25.82
CA THR A 55 5.14 -13.24 -26.77
C THR A 55 5.96 -14.29 -26.01
N ASN A 56 5.83 -15.54 -26.41
CA ASN A 56 6.47 -16.67 -25.70
C ASN A 56 7.78 -17.03 -26.39
N GLY A 57 8.36 -18.16 -25.99
CA GLY A 57 9.67 -18.59 -26.44
C GLY A 57 9.64 -19.28 -27.80
N ASP A 58 8.45 -19.54 -28.33
CA ASP A 58 8.29 -19.93 -29.72
C ASP A 58 8.10 -18.72 -30.64
N ASN A 59 8.33 -17.51 -30.14
CA ASN A 59 7.96 -16.28 -30.84
C ASN A 59 6.51 -16.21 -31.33
N GLU A 60 5.59 -16.82 -30.60
CA GLU A 60 4.16 -16.72 -30.92
C GLU A 60 3.57 -15.75 -29.91
N THR A 61 2.61 -14.96 -30.36
CA THR A 61 2.09 -13.81 -29.60
C THR A 61 0.59 -13.98 -29.41
N ILE A 62 0.12 -13.65 -28.21
CA ILE A 62 -1.31 -13.48 -27.96
C ILE A 62 -1.57 -12.03 -27.59
N THR A 63 -2.76 -11.54 -27.92
CA THR A 63 -3.19 -10.20 -27.53
C THR A 63 -4.32 -10.34 -26.55
N LEU A 64 -4.14 -9.84 -25.34
CA LEU A 64 -5.18 -9.86 -24.32
C LEU A 64 -5.89 -8.52 -24.21
N ALA A 65 -7.21 -8.58 -24.05
CA ALA A 65 -8.05 -7.41 -23.86
C ALA A 65 -8.35 -7.24 -22.37
N ILE A 66 -7.88 -6.15 -21.80
CA ILE A 66 -8.05 -5.84 -20.39
C ILE A 66 -9.17 -4.82 -20.30
N ASN A 67 -10.17 -5.08 -19.46
CA ASN A 67 -11.22 -4.13 -19.16
C ASN A 67 -10.63 -3.03 -18.27
N VAL A 68 -10.62 -1.81 -18.77
CA VAL A 68 -10.00 -0.71 -18.04
C VAL A 68 -10.78 -0.32 -16.78
N GLU A 69 -12.02 -0.78 -16.62
CA GLU A 69 -12.82 -0.49 -15.42
C GLU A 69 -12.44 -1.35 -14.22
N ASP A 70 -12.02 -2.59 -14.46
CA ASP A 70 -11.67 -3.49 -13.37
C ASP A 70 -10.32 -4.22 -13.49
N ALA A 71 -9.52 -3.89 -14.51
CA ALA A 71 -8.22 -4.51 -14.69
C ALA A 71 -8.30 -6.06 -14.70
N GLY A 72 -9.32 -6.59 -15.36
CA GLY A 72 -9.49 -8.02 -15.59
C GLY A 72 -9.48 -8.33 -17.08
N PHE A 73 -9.11 -9.54 -17.44
CA PHE A 73 -9.13 -9.96 -18.83
C PHE A 73 -10.55 -10.24 -19.25
N ALA A 74 -10.93 -9.66 -20.39
CA ALA A 74 -12.23 -9.95 -21.01
C ALA A 74 -12.14 -11.03 -22.10
N ALA A 75 -11.04 -11.03 -22.84
CA ALA A 75 -10.86 -11.92 -23.97
C ALA A 75 -9.39 -11.90 -24.42
N TYR A 76 -9.05 -12.82 -25.32
CA TYR A 76 -7.77 -12.75 -26.00
C TYR A 76 -7.84 -13.28 -27.43
N ARG A 77 -6.85 -12.85 -28.21
CA ARG A 77 -6.68 -13.29 -29.62
C ARG A 77 -5.38 -14.08 -29.78
N ALA A 78 -5.44 -15.13 -30.59
CA ALA A 78 -4.31 -15.93 -30.98
C ALA A 78 -4.46 -16.07 -32.51
N ALA A 79 -3.54 -15.50 -33.28
CA ALA A 79 -3.68 -15.62 -34.72
C ALA A 79 -5.03 -15.07 -35.14
N ASP A 80 -5.79 -15.88 -35.87
CA ASP A 80 -7.11 -15.50 -36.37
C ASP A 80 -8.27 -16.02 -35.54
N ARG A 81 -7.98 -16.40 -34.30
CA ARG A 81 -8.94 -16.94 -33.36
C ARG A 81 -9.02 -16.01 -32.15
N SER A 82 -10.19 -15.89 -31.55
CA SER A 82 -10.31 -15.20 -30.28
C SER A 82 -11.20 -15.97 -29.35
N TYR A 83 -11.08 -15.66 -28.07
CA TYR A 83 -11.75 -16.37 -26.99
C TYR A 83 -12.20 -15.35 -25.96
N PHE A 84 -13.49 -15.38 -25.63
CA PHE A 84 -14.14 -14.44 -24.72
C PHE A 84 -14.61 -15.20 -23.49
N PHE A 85 -14.35 -14.67 -22.30
CA PHE A 85 -14.95 -15.21 -21.08
C PHE A 85 -16.47 -15.03 -21.13
N GLN A 86 -17.22 -15.91 -20.48
CA GLN A 86 -18.66 -15.80 -20.59
C GLN A 86 -19.25 -14.63 -19.80
N ASN A 87 -18.47 -14.06 -18.89
CA ASN A 87 -18.82 -12.79 -18.23
C ASN A 87 -18.12 -11.55 -18.82
N ALA A 88 -17.54 -11.65 -20.01
CA ALA A 88 -17.06 -10.47 -20.74
C ALA A 88 -18.24 -9.53 -20.93
N PRO A 89 -18.00 -8.22 -21.04
CA PRO A 89 -19.19 -7.38 -21.23
C PRO A 89 -19.95 -7.84 -22.47
N PRO A 90 -21.30 -7.89 -22.40
CA PRO A 90 -22.07 -8.56 -23.46
C PRO A 90 -21.80 -8.09 -24.93
N ILE A 91 -21.45 -6.81 -25.10
CA ILE A 91 -21.22 -6.21 -26.43
C ILE A 91 -19.75 -6.26 -26.85
N ALA A 92 -18.87 -6.80 -25.99
CA ALA A 92 -17.44 -6.76 -26.26
C ALA A 92 -17.06 -7.39 -27.61
N SER A 93 -17.72 -8.47 -27.98
CA SER A 93 -17.38 -9.17 -29.22
C SER A 93 -17.59 -8.32 -30.51
N TYR A 94 -18.34 -7.23 -30.43
CA TYR A 94 -18.52 -6.27 -31.55
C TYR A 94 -17.47 -5.19 -31.62
N VAL A 95 -16.65 -5.11 -30.59
CA VAL A 95 -15.70 -4.02 -30.42
C VAL A 95 -14.26 -4.49 -30.53
N ILE A 96 -13.96 -5.70 -30.04
CA ILE A 96 -12.61 -6.24 -30.06
C ILE A 96 -12.54 -7.55 -30.84
N PHE A 97 -11.43 -7.74 -31.53
CA PHE A 97 -11.15 -8.96 -32.27
C PHE A 97 -12.27 -9.32 -33.26
N THR A 98 -12.84 -8.30 -33.88
CA THR A 98 -13.94 -8.49 -34.81
C THR A 98 -13.55 -9.32 -36.01
N ASP A 99 -12.34 -9.10 -36.53
CA ASP A 99 -11.89 -9.85 -37.69
C ASP A 99 -11.22 -11.18 -37.31
N THR A 100 -11.94 -12.04 -36.61
CA THR A 100 -11.41 -13.34 -36.19
C THR A 100 -12.53 -14.32 -35.92
N ASN A 101 -12.17 -15.60 -35.83
CA ASN A 101 -13.14 -16.60 -35.40
C ASN A 101 -13.26 -16.57 -33.88
N GLN A 102 -14.42 -16.09 -33.42
CA GLN A 102 -14.67 -15.83 -32.02
C GLN A 102 -15.23 -17.05 -31.36
N ASN A 103 -14.79 -17.29 -30.14
CA ASN A 103 -15.22 -18.43 -29.35
C ASN A 103 -15.54 -17.95 -27.94
N ILE A 104 -16.47 -18.64 -27.28
CA ILE A 104 -16.82 -18.32 -25.92
C ILE A 104 -16.29 -19.41 -25.02
N MET A 105 -15.51 -19.01 -24.01
CA MET A 105 -14.98 -19.94 -23.04
C MET A 105 -16.12 -20.12 -22.06
N ASN A 106 -16.40 -21.36 -21.67
CA ASN A 106 -17.52 -21.60 -20.78
C ASN A 106 -17.24 -21.42 -19.29
N PHE A 107 -16.61 -20.32 -18.95
CA PHE A 107 -16.32 -19.97 -17.56
C PHE A 107 -16.04 -18.49 -17.45
N ASN A 108 -16.12 -17.97 -16.24
CA ASN A 108 -15.89 -16.57 -15.99
C ASN A 108 -14.42 -16.25 -15.79
N ASN A 109 -14.07 -14.97 -15.88
CA ASN A 109 -12.71 -14.52 -15.68
C ASN A 109 -12.30 -14.37 -14.20
N THR A 110 -13.12 -14.85 -13.27
CA THR A 110 -12.81 -14.80 -11.84
C THR A 110 -11.95 -16.00 -11.44
N PHE A 111 -11.13 -15.82 -10.42
CA PHE A 111 -10.34 -16.92 -9.90
C PHE A 111 -11.21 -18.09 -9.45
N GLU A 112 -12.34 -17.80 -8.82
CA GLU A 112 -13.21 -18.85 -8.31
C GLU A 112 -13.73 -19.71 -9.44
N SER A 113 -14.16 -19.10 -10.53
CA SER A 113 -14.68 -19.83 -11.68
C SER A 113 -13.56 -20.59 -12.40
N ILE A 114 -12.42 -19.95 -12.62
CA ILE A 114 -11.30 -20.59 -13.30
C ILE A 114 -10.79 -21.80 -12.54
N GLU A 115 -10.73 -21.64 -11.22
CA GLU A 115 -10.28 -22.74 -10.35
C GLU A 115 -11.27 -23.92 -10.37
N ILE A 116 -12.57 -23.64 -10.34
CA ILE A 116 -13.60 -24.71 -10.48
C ILE A 116 -13.50 -25.47 -11.80
N VAL A 117 -13.40 -24.78 -12.93
CA VAL A 117 -13.30 -25.50 -14.21
C VAL A 117 -11.97 -26.20 -14.42
N GLY A 118 -10.87 -25.58 -14.00
CA GLY A 118 -9.57 -26.18 -14.14
C GLY A 118 -9.29 -27.29 -13.15
N GLY A 119 -10.02 -27.28 -12.03
CA GLY A 119 -9.78 -28.23 -10.93
C GLY A 119 -8.48 -27.99 -10.20
N THR A 120 -7.89 -26.80 -10.34
CA THR A 120 -6.59 -26.49 -9.75
C THR A 120 -6.60 -25.08 -9.15
N THR A 121 -6.07 -24.92 -7.95
CA THR A 121 -6.03 -23.63 -7.27
C THR A 121 -4.72 -22.83 -7.51
N ARG A 122 -4.76 -21.55 -7.19
CA ARG A 122 -3.61 -20.69 -7.28
C ARG A 122 -2.45 -21.21 -6.40
N SER A 123 -2.76 -21.71 -5.20
CA SER A 123 -1.73 -22.21 -4.28
C SER A 123 -0.93 -23.38 -4.81
N GLU A 124 -1.49 -24.09 -5.78
CA GLU A 124 -0.81 -25.19 -6.37
C GLU A 124 -0.31 -24.90 -7.81
N THR A 125 -0.43 -23.64 -8.28
CA THR A 125 -0.01 -23.27 -9.65
C THR A 125 1.30 -22.46 -9.62
N PRO A 126 2.41 -23.06 -10.08
CA PRO A 126 3.68 -22.30 -10.07
C PRO A 126 3.69 -21.08 -10.97
N LEU A 127 4.38 -20.04 -10.51
CA LEU A 127 4.55 -18.81 -11.25
C LEU A 127 6.03 -18.62 -11.48
N GLY A 128 6.38 -17.97 -12.57
CA GLY A 128 7.79 -17.69 -12.90
C GLY A 128 7.90 -17.56 -14.40
N ILE A 129 9.13 -17.33 -14.87
CA ILE A 129 9.35 -17.01 -16.27
C ILE A 129 8.86 -18.10 -17.19
N MET A 130 9.22 -19.34 -16.87
CA MET A 130 8.91 -20.44 -17.78
C MET A 130 7.41 -20.80 -17.75
N HIS A 131 6.75 -20.51 -16.64
CA HIS A 131 5.29 -20.70 -16.56
C HIS A 131 4.56 -19.61 -17.32
N PHE A 132 5.10 -18.39 -17.29
CA PHE A 132 4.58 -17.29 -18.12
C PHE A 132 4.66 -17.71 -19.59
N GLU A 133 5.83 -18.23 -19.96
CA GLU A 133 6.14 -18.66 -21.33
C GLU A 133 5.18 -19.76 -21.80
N ALA A 134 5.04 -20.79 -20.97
CA ALA A 134 4.20 -21.95 -21.31
C ALA A 134 2.72 -21.59 -21.36
N SER A 135 2.30 -20.71 -20.47
CA SER A 135 0.92 -20.23 -20.45
C SER A 135 0.55 -19.53 -21.74
N ILE A 136 1.48 -18.75 -22.29
CA ILE A 136 1.21 -18.09 -23.57
C ILE A 136 1.01 -19.14 -24.70
N PHE A 137 1.86 -20.18 -24.73
CA PHE A 137 1.74 -21.29 -25.68
C PHE A 137 0.40 -21.96 -25.58
N HIS A 138 0.04 -22.38 -24.37
CA HIS A 138 -1.24 -23.07 -24.17
C HIS A 138 -2.44 -22.27 -24.61
N LEU A 139 -2.42 -20.97 -24.34
CA LEU A 139 -3.44 -20.07 -24.82
C LEU A 139 -3.38 -19.89 -26.33
N PHE A 140 -2.17 -19.82 -26.89
CA PHE A 140 -2.01 -19.63 -28.32
C PHE A 140 -2.64 -20.79 -29.10
N VAL A 141 -2.34 -22.01 -28.69
CA VAL A 141 -2.96 -23.18 -29.33
C VAL A 141 -4.33 -23.52 -28.75
N HIS A 142 -4.75 -22.82 -27.69
CA HIS A 142 -5.99 -23.09 -26.95
C HIS A 142 -6.21 -24.56 -26.61
N ASP A 143 -5.25 -25.07 -25.84
CA ASP A 143 -5.35 -26.42 -25.29
C ASP A 143 -6.27 -26.36 -24.09
N GLU A 144 -7.51 -26.81 -24.26
CA GLU A 144 -8.53 -26.61 -23.24
C GLU A 144 -8.17 -27.18 -21.86
N ASN A 145 -7.38 -28.23 -21.81
CA ASN A 145 -6.92 -28.80 -20.54
C ASN A 145 -6.05 -27.84 -19.74
N TYR A 146 -5.31 -26.96 -20.42
CA TYR A 146 -4.39 -26.00 -19.79
C TYR A 146 -4.82 -24.55 -19.84
N VAL A 147 -5.90 -24.24 -20.53
CA VAL A 147 -6.39 -22.86 -20.58
C VAL A 147 -6.65 -22.27 -19.17
N PRO A 148 -7.32 -23.00 -18.26
CA PRO A 148 -7.57 -22.39 -16.95
C PRO A 148 -6.32 -22.03 -16.15
N THR A 149 -5.39 -22.97 -16.00
CA THR A 149 -4.19 -22.69 -15.24
C THR A 149 -3.32 -21.64 -15.92
N SER A 150 -3.36 -21.59 -17.25
CA SER A 150 -2.65 -20.54 -17.99
C SER A 150 -3.17 -19.14 -17.64
N PHE A 151 -4.49 -19.00 -17.54
CA PHE A 151 -5.07 -17.77 -17.02
C PHE A 151 -4.69 -17.48 -15.57
N LEU A 152 -4.66 -18.50 -14.71
CA LEU A 152 -4.19 -18.28 -13.32
C LEU A 152 -2.77 -17.68 -13.28
N VAL A 153 -1.88 -18.22 -14.10
CA VAL A 153 -0.54 -17.69 -14.22
C VAL A 153 -0.53 -16.24 -14.76
N LEU A 154 -1.18 -16.00 -15.89
CA LEU A 154 -1.06 -14.71 -16.57
C LEU A 154 -1.82 -13.60 -15.87
N ILE A 155 -3.02 -13.90 -15.35
CA ILE A 155 -3.76 -12.95 -14.54
C ILE A 155 -2.88 -12.48 -13.37
N GLN A 156 -2.23 -13.42 -12.69
CA GLN A 156 -1.44 -13.04 -11.53
C GLN A 156 -0.14 -12.28 -11.89
N MET A 157 0.58 -12.76 -12.89
CA MET A 157 1.87 -12.19 -13.24
C MET A 157 1.78 -10.84 -13.97
N VAL A 158 0.63 -10.57 -14.61
CA VAL A 158 0.40 -9.32 -15.32
C VAL A 158 -0.55 -8.38 -14.53
N LEU A 159 -1.79 -8.82 -14.31
CA LEU A 159 -2.85 -7.94 -13.76
C LEU A 159 -2.76 -7.75 -12.25
N GLU A 160 -2.56 -8.84 -11.52
CA GLU A 160 -2.45 -8.75 -10.07
C GLU A 160 -1.17 -8.01 -9.67
N ALA A 161 -0.09 -8.26 -10.41
CA ALA A 161 1.15 -7.50 -10.26
C ALA A 161 0.95 -6.00 -10.51
N ALA A 162 0.16 -5.66 -11.52
CA ALA A 162 -0.16 -4.26 -11.76
C ALA A 162 -0.92 -3.67 -10.58
N LYS A 163 -1.90 -4.41 -10.04
CA LYS A 163 -2.68 -3.93 -8.90
C LYS A 163 -1.82 -3.73 -7.62
N PHE A 164 -0.83 -4.58 -7.40
CA PHE A 164 -0.09 -4.60 -6.13
C PHE A 164 1.42 -4.68 -6.32
N LYS A 165 2.13 -3.67 -5.84
CA LYS A 165 3.60 -3.66 -5.89
C LYS A 165 4.21 -4.87 -5.18
N PHE A 166 3.54 -5.37 -4.12
CA PHE A 166 4.02 -6.58 -3.46
C PHE A 166 4.11 -7.74 -4.43
N ILE A 167 3.08 -7.91 -5.25
CA ILE A 167 3.02 -9.01 -6.21
C ILE A 167 4.03 -8.80 -7.34
N GLU A 168 4.09 -7.59 -7.87
CA GLU A 168 5.15 -7.22 -8.82
C GLU A 168 6.54 -7.67 -8.29
N GLN A 169 6.79 -7.31 -7.04
CA GLN A 169 8.06 -7.63 -6.41
C GLN A 169 8.28 -9.15 -6.26
N LYS A 170 7.22 -9.90 -6.00
CA LYS A 170 7.33 -11.37 -5.96
C LYS A 170 7.82 -11.91 -7.30
N VAL A 171 7.26 -11.37 -8.37
CA VAL A 171 7.66 -11.80 -9.69
C VAL A 171 9.13 -11.40 -9.96
N ILE A 172 9.51 -10.19 -9.52
CA ILE A 172 10.86 -9.69 -9.73
C ILE A 172 11.86 -10.58 -9.00
N HIS A 173 11.54 -10.96 -7.78
CA HIS A 173 12.36 -11.91 -7.05
C HIS A 173 12.52 -13.22 -7.81
N SER A 174 11.43 -13.72 -8.35
CA SER A 174 11.43 -14.94 -9.15
C SER A 174 12.39 -14.86 -10.35
N ILE A 175 12.33 -13.75 -11.08
CA ILE A 175 13.18 -13.53 -12.24
C ILE A 175 14.63 -13.55 -11.81
N MET A 176 14.94 -12.77 -10.80
CA MET A 176 16.32 -12.58 -10.37
C MET A 176 16.94 -13.78 -9.67
N ASP A 177 16.15 -14.48 -8.87
CA ASP A 177 16.58 -15.71 -8.24
C ASP A 177 16.54 -16.91 -9.19
N MET A 178 15.90 -16.76 -10.35
CA MET A 178 15.61 -17.84 -11.29
C MET A 178 14.96 -19.00 -10.57
N GLU A 179 13.83 -18.69 -9.96
CA GLU A 179 13.22 -19.54 -8.97
C GLU A 179 11.72 -19.34 -9.00
N ASP A 180 11.00 -20.40 -9.33
CA ASP A 180 9.56 -20.38 -9.36
C ASP A 180 9.01 -20.27 -7.96
N PHE A 181 7.75 -19.88 -7.86
CA PHE A 181 7.10 -19.80 -6.56
C PHE A 181 5.60 -20.04 -6.75
N THR A 182 4.91 -20.38 -5.67
CA THR A 182 3.46 -20.39 -5.67
C THR A 182 3.05 -19.30 -4.70
N PRO A 183 1.94 -18.61 -4.99
CA PRO A 183 1.52 -17.54 -4.08
C PRO A 183 1.15 -18.11 -2.73
N GLY A 184 1.59 -17.41 -1.68
CA GLY A 184 1.23 -17.75 -0.32
C GLY A 184 0.11 -16.85 0.12
N LEU A 185 -0.16 -16.88 1.42
CA LEU A 185 -1.25 -16.09 2.00
C LEU A 185 -1.14 -14.59 1.76
N ALA A 186 0.09 -14.05 1.76
CA ALA A 186 0.29 -12.62 1.53
C ALA A 186 -0.25 -12.22 0.17
N MET A 187 0.18 -12.93 -0.86
CA MET A 187 -0.24 -12.63 -2.21
C MET A 187 -1.76 -12.90 -2.42
N LEU A 188 -2.24 -14.05 -1.94
CA LEU A 188 -3.66 -14.38 -2.09
C LEU A 188 -4.57 -13.41 -1.35
N SER A 189 -4.17 -12.92 -0.17
CA SER A 189 -5.00 -12.00 0.59
C SER A 189 -5.15 -10.64 -0.11
N LEU A 190 -4.12 -10.21 -0.83
CA LEU A 190 -4.21 -9.03 -1.67
C LEU A 190 -5.22 -9.23 -2.84
N GLU A 191 -5.01 -10.30 -3.58
CA GLU A 191 -5.89 -10.65 -4.70
C GLU A 191 -7.36 -10.75 -4.25
N GLU A 192 -7.58 -11.48 -3.16
CA GLU A 192 -8.89 -11.65 -2.54
C GLU A 192 -9.56 -10.32 -2.20
N ASN A 193 -8.81 -9.36 -1.69
CA ASN A 193 -9.36 -8.13 -1.12
C ASN A 193 -9.29 -6.85 -1.93
N TRP A 194 -8.83 -6.93 -3.17
CA TRP A 194 -8.68 -5.73 -3.99
C TRP A 194 -9.98 -4.89 -4.05
N THR A 195 -11.11 -5.54 -4.32
CA THR A 195 -12.38 -4.80 -4.42
C THR A 195 -12.80 -4.26 -3.04
N GLN A 196 -12.61 -5.05 -1.99
CA GLN A 196 -12.96 -4.63 -0.62
C GLN A 196 -12.06 -3.45 -0.13
N LEU A 197 -10.76 -3.52 -0.41
CA LEU A 197 -9.85 -2.41 -0.09
C LEU A 197 -10.25 -1.12 -0.85
N SER A 198 -10.68 -1.29 -2.10
CA SER A 198 -11.14 -0.15 -2.93
C SER A 198 -12.35 0.51 -2.28
N LEU A 199 -13.29 -0.31 -1.85
CA LEU A 199 -14.50 0.17 -1.19
C LEU A 199 -14.14 0.89 0.13
N GLN A 200 -13.35 0.24 0.98
CA GLN A 200 -13.02 0.84 2.29
C GLN A 200 -12.20 2.13 2.18
N LEU A 201 -11.22 2.18 1.28
CA LEU A 201 -10.45 3.40 1.05
C LEU A 201 -11.34 4.58 0.67
N GLN A 202 -12.21 4.35 -0.31
CA GLN A 202 -13.12 5.38 -0.78
C GLN A 202 -14.13 5.76 0.30
N ALA A 203 -14.71 4.78 0.97
CA ALA A 203 -15.64 5.03 2.06
C ALA A 203 -14.99 5.80 3.22
N SER A 204 -13.71 5.53 3.47
CA SER A 204 -13.00 6.16 4.58
C SER A 204 -12.85 7.68 4.51
N GLU A 205 -13.12 8.28 3.35
CA GLU A 205 -13.13 9.73 3.18
C GLU A 205 -14.04 10.45 4.19
N SER A 206 -15.14 9.81 4.57
CA SER A 206 -16.08 10.40 5.54
C SER A 206 -15.74 10.11 7.02
N LEU A 207 -14.72 9.28 7.28
CA LEU A 207 -14.36 8.88 8.63
C LEU A 207 -12.91 9.11 8.92
N ASN A 208 -12.35 10.23 8.48
CA ASN A 208 -10.95 10.57 8.76
C ASN A 208 -9.96 9.45 8.42
N GLY A 209 -10.26 8.72 7.34
CA GLY A 209 -9.35 7.69 6.82
C GLY A 209 -9.49 6.34 7.46
N VAL A 210 -10.50 6.19 8.31
CA VAL A 210 -10.78 4.92 8.97
C VAL A 210 -11.83 4.17 8.14
N PHE A 211 -11.67 2.86 8.07
CA PHE A 211 -12.53 1.97 7.29
C PHE A 211 -13.82 1.62 8.06
N GLY A 212 -14.87 1.27 7.33
CA GLY A 212 -16.05 0.67 7.93
C GLY A 212 -15.85 -0.76 8.37
N ASP A 213 -14.94 -1.46 7.69
CA ASP A 213 -14.65 -2.85 8.02
C ASP A 213 -13.17 -3.07 7.86
N SER A 214 -12.63 -3.96 8.69
CA SER A 214 -11.22 -4.31 8.64
C SER A 214 -10.99 -5.36 7.56
N VAL A 215 -9.83 -5.28 6.90
CA VAL A 215 -9.43 -6.26 5.90
C VAL A 215 -8.18 -6.94 6.41
N SER A 216 -8.12 -8.27 6.33
CA SER A 216 -6.97 -9.03 6.79
C SER A 216 -6.00 -9.29 5.65
N LEU A 217 -4.83 -8.67 5.74
CA LEU A 217 -3.75 -8.89 4.80
C LEU A 217 -2.62 -9.64 5.49
N TYR A 218 -2.28 -10.81 4.95
CA TYR A 218 -1.20 -11.58 5.52
C TYR A 218 0.20 -11.07 5.10
N ASN A 219 1.15 -11.19 6.00
CA ASN A 219 2.53 -10.90 5.70
C ASN A 219 3.24 -12.18 5.26
N SER A 220 4.51 -12.06 4.92
CA SER A 220 5.28 -13.19 4.44
C SER A 220 5.56 -14.27 5.51
N MET A 221 5.36 -13.95 6.79
CA MET A 221 5.41 -14.95 7.86
C MET A 221 4.02 -15.56 8.17
N ASP A 222 3.05 -15.37 7.27
CA ASP A 222 1.67 -15.85 7.44
C ASP A 222 0.94 -15.32 8.67
N GLU A 223 1.30 -14.13 9.11
CA GLU A 223 0.60 -13.47 10.20
C GLU A 223 -0.43 -12.52 9.57
N PRO A 224 -1.69 -12.57 10.04
CA PRO A 224 -2.66 -11.63 9.48
C PRO A 224 -2.49 -10.24 10.08
N ILE A 225 -2.44 -9.22 9.23
CA ILE A 225 -2.39 -7.85 9.69
C ILE A 225 -3.74 -7.21 9.38
N GLY A 226 -4.37 -6.66 10.42
CA GLY A 226 -5.66 -6.00 10.28
C GLY A 226 -5.46 -4.63 9.68
N VAL A 227 -6.00 -4.42 8.49
CA VAL A 227 -5.97 -3.12 7.85
C VAL A 227 -7.37 -2.53 7.95
N ASP A 228 -7.54 -1.60 8.89
CA ASP A 228 -8.84 -0.96 9.15
C ASP A 228 -8.80 0.55 8.97
N SER A 229 -7.81 1.02 8.23
CA SER A 229 -7.65 2.41 7.88
C SER A 229 -6.66 2.52 6.74
N MET A 230 -6.53 3.73 6.25
CA MET A 230 -5.54 4.05 5.23
C MET A 230 -4.10 4.24 5.76
N TYR A 231 -3.87 4.09 7.07
CA TYR A 231 -2.58 4.45 7.67
C TYR A 231 -1.64 3.25 7.78
N TYR A 232 -1.73 2.29 6.85
CA TYR A 232 -0.86 1.10 6.82
C TYR A 232 -0.01 1.14 5.55
N PRO A 233 1.34 1.23 5.68
CA PRO A 233 2.19 1.24 4.48
C PRO A 233 2.06 0.01 3.57
N ILE A 234 1.70 -1.13 4.16
CA ILE A 234 1.45 -2.34 3.38
C ILE A 234 0.23 -2.24 2.47
N LEU A 235 -0.63 -1.26 2.69
CA LEU A 235 -1.69 -0.93 1.77
C LEU A 235 -1.29 0.22 0.84
N THR A 236 -1.00 1.35 1.45
CA THR A 236 -0.97 2.59 0.71
C THR A 236 0.30 2.75 -0.14
N ALA A 237 1.39 2.06 0.20
CA ALA A 237 2.56 1.92 -0.69
C ALA A 237 2.58 0.63 -1.52
N ASN A 238 1.44 -0.05 -1.65
CA ASN A 238 1.38 -1.37 -2.27
C ASN A 238 0.33 -1.35 -3.40
N MET A 239 -0.93 -1.15 -3.01
CA MET A 239 -2.05 -1.11 -3.95
C MET A 239 -1.87 0.08 -4.88
N ALA A 240 -1.73 -0.21 -6.16
CA ALA A 240 -1.35 0.79 -7.15
C ALA A 240 -2.54 1.53 -7.74
N PHE A 241 -3.68 0.86 -7.77
CA PHE A 241 -4.90 1.51 -8.19
C PHE A 241 -6.08 0.75 -7.64
N GLN A 242 -7.24 1.41 -7.65
CA GLN A 242 -8.46 0.89 -7.05
C GLN A 242 -9.61 0.76 -8.04
N LEU A 243 -10.53 -0.15 -7.75
CA LEU A 243 -11.82 -0.24 -8.41
C LEU A 243 -12.73 0.94 -7.98
N TYR A 244 -13.42 1.58 -8.94
CA TYR A 244 -14.39 2.61 -8.58
C TYR A 244 -15.48 2.02 -7.71
N GLN A 245 -15.72 2.63 -6.55
CA GLN A 245 -16.71 2.11 -5.61
C GLN A 245 -17.74 3.14 -5.08
N CYS A 246 -17.37 4.39 -4.79
CA CYS A 246 -18.19 5.35 -4.02
C CYS A 246 -18.28 6.66 -4.78
N PRO A 247 -19.46 7.33 -4.81
CA PRO A 247 -19.69 8.62 -5.50
C PRO A 247 -18.66 9.73 -5.28
N ASN B 1 -25.30 2.41 -2.08
CA ASN B 1 -24.43 1.51 -1.34
C ASN B 1 -24.06 2.11 -0.03
N GLU B 2 -24.86 1.85 0.99
CA GLU B 2 -24.65 2.43 2.34
C GLU B 2 -23.30 2.07 2.98
N GLN B 3 -22.63 1.04 2.45
CA GLN B 3 -21.23 0.79 2.76
C GLN B 3 -20.27 1.92 2.37
N CYS B 4 -20.67 2.82 1.45
CA CYS B 4 -19.93 4.05 1.17
C CYS B 4 -19.92 5.09 2.30
N SER B 5 -20.88 4.97 3.23
CA SER B 5 -21.06 5.91 4.33
C SER B 5 -21.11 5.19 5.69
N PRO B 6 -20.00 4.65 6.15
CA PRO B 6 -19.97 3.98 7.44
C PRO B 6 -20.35 4.93 8.56
N GLN B 7 -21.19 4.51 9.47
CA GLN B 7 -21.64 5.38 10.51
C GLN B 7 -20.66 5.54 11.66
N GLN B 8 -19.80 4.57 11.86
CA GLN B 8 -18.80 4.65 12.88
C GLN B 8 -17.81 3.50 12.80
N ARG B 9 -16.65 3.67 13.42
CA ARG B 9 -15.71 2.57 13.56
C ARG B 9 -14.88 2.80 14.81
N THR B 10 -14.74 1.74 15.59
CA THR B 10 -13.94 1.76 16.80
C THR B 10 -12.59 1.16 16.49
N THR B 11 -11.53 1.87 16.88
CA THR B 11 -10.19 1.41 16.61
C THR B 11 -9.26 1.89 17.73
N ARG B 12 -7.97 1.55 17.65
CA ARG B 12 -6.97 2.13 18.56
C ARG B 12 -6.15 3.18 17.81
N ILE B 13 -5.34 3.90 18.54
CA ILE B 13 -4.46 4.89 17.95
C ILE B 13 -3.12 4.76 18.61
N SER B 14 -2.09 4.48 17.82
CA SER B 14 -0.74 4.37 18.30
C SER B 14 0.21 5.36 17.60
N GLY B 15 1.25 5.71 18.33
CA GLY B 15 2.21 6.67 17.89
C GLY B 15 3.64 6.44 18.32
N ARG B 16 4.18 7.43 19.02
CA ARG B 16 5.57 7.39 19.42
C ARG B 16 5.92 6.11 20.17
N ASP B 17 6.98 5.49 19.70
CA ASP B 17 7.53 4.25 20.21
C ASP B 17 6.53 3.09 20.21
N GLY B 18 5.48 3.16 19.38
CA GLY B 18 4.45 2.14 19.36
C GLY B 18 3.50 2.16 20.53
N LEU B 19 3.50 3.23 21.34
CA LEU B 19 2.57 3.33 22.45
C LEU B 19 1.24 3.87 21.97
N CYS B 20 0.18 3.63 22.76
CA CYS B 20 -1.20 3.98 22.39
C CYS B 20 -1.71 5.23 23.05
N VAL B 21 -2.70 5.83 22.42
CA VAL B 21 -3.43 6.96 22.96
C VAL B 21 -4.46 6.40 23.97
N ASP B 22 -4.38 6.89 25.20
CA ASP B 22 -5.02 6.24 26.37
C ASP B 22 -5.58 7.34 27.27
N VAL B 23 -6.85 7.22 27.69
CA VAL B 23 -7.41 8.16 28.68
C VAL B 23 -6.91 7.70 30.05
N TYR B 24 -6.09 8.54 30.67
CA TYR B 24 -5.37 8.18 31.88
C TYR B 24 -6.36 7.71 32.95
N GLY B 25 -6.13 6.53 33.49
CA GLY B 25 -6.92 5.96 34.59
C GLY B 25 -8.34 5.59 34.19
N ALA B 26 -8.63 5.61 32.89
CA ALA B 26 -10.01 5.51 32.39
C ALA B 26 -10.97 6.48 33.07
N LEU B 27 -10.49 7.67 33.43
CA LEU B 27 -11.31 8.68 34.08
C LEU B 27 -12.22 9.36 33.09
N THR B 28 -13.44 9.69 33.52
CA THR B 28 -14.50 10.11 32.62
C THR B 28 -14.89 11.56 32.79
N ALA B 29 -14.35 12.23 33.80
CA ALA B 29 -14.69 13.62 34.05
C ALA B 29 -14.19 14.48 32.89
N ASP B 30 -14.96 15.52 32.57
CA ASP B 30 -14.57 16.51 31.59
C ASP B 30 -13.18 17.01 31.89
N GLY B 31 -12.31 17.03 30.87
CA GLY B 31 -10.94 17.48 31.05
C GLY B 31 -9.98 16.40 31.43
N SER B 32 -10.45 15.16 31.56
CA SER B 32 -9.59 14.03 31.84
C SER B 32 -8.52 13.88 30.75
N ARG B 33 -7.25 13.83 31.15
CA ARG B 33 -6.16 13.91 30.19
C ARG B 33 -5.93 12.60 29.45
N VAL B 34 -5.36 12.71 28.24
CA VAL B 34 -4.92 11.53 27.50
C VAL B 34 -3.38 11.45 27.50
N ILE B 35 -2.87 10.24 27.55
CA ILE B 35 -1.45 9.95 27.68
C ILE B 35 -1.02 8.91 26.67
N LEU B 36 0.29 8.72 26.52
CA LEU B 36 0.83 7.47 25.98
C LEU B 36 0.75 6.34 26.99
N TYR B 37 0.45 5.14 26.50
CA TYR B 37 0.43 3.97 27.37
C TYR B 37 0.64 2.72 26.56
N PRO B 38 1.27 1.69 27.16
CA PRO B 38 1.40 0.46 26.37
C PRO B 38 0.04 -0.03 25.89
N CYS B 39 0.02 -0.53 24.64
CA CYS B 39 -1.23 -0.87 23.99
C CYS B 39 -1.89 -2.08 24.63
N GLY B 40 -3.19 -2.01 24.83
CA GLY B 40 -3.96 -3.18 25.30
C GLY B 40 -5.40 -3.12 24.81
N GLN B 41 -6.24 -3.96 25.43
CA GLN B 41 -7.65 -4.09 25.05
C GLN B 41 -8.60 -3.22 25.83
N GLN B 42 -8.11 -2.48 26.80
CA GLN B 42 -8.99 -1.71 27.69
C GLN B 42 -9.77 -0.66 26.92
N GLN B 43 -10.97 -0.37 27.41
CA GLN B 43 -11.93 0.55 26.78
C GLN B 43 -11.43 1.97 26.58
N ASN B 44 -10.60 2.43 27.53
CA ASN B 44 -10.02 3.76 27.45
C ASN B 44 -8.89 3.90 26.41
N GLN B 45 -8.59 2.83 25.66
CA GLN B 45 -7.77 2.93 24.44
C GLN B 45 -8.57 2.74 23.16
N GLN B 46 -9.89 2.63 23.27
CA GLN B 46 -10.77 2.43 22.12
C GLN B 46 -11.34 3.75 21.72
N TRP B 47 -11.03 4.14 20.47
CA TRP B 47 -11.42 5.43 19.95
C TRP B 47 -12.39 5.19 18.81
N THR B 48 -13.58 5.75 18.92
CA THR B 48 -14.62 5.57 17.92
C THR B 48 -14.71 6.83 17.09
N PHE B 49 -14.53 6.64 15.78
CA PHE B 49 -14.58 7.70 14.80
C PHE B 49 -15.98 7.80 14.20
N TYR B 50 -16.47 9.03 14.08
CA TYR B 50 -17.80 9.29 13.51
C TYR B 50 -17.66 10.30 12.37
N PRO B 51 -18.65 10.36 11.46
CA PRO B 51 -18.55 11.31 10.35
C PRO B 51 -18.72 12.78 10.70
N ASP B 52 -19.07 13.09 11.94
CA ASP B 52 -19.00 14.47 12.43
C ASP B 52 -17.59 14.93 12.84
N ASN B 53 -16.56 14.12 12.55
CA ASN B 53 -15.15 14.46 12.87
C ASN B 53 -14.85 14.47 14.36
N THR B 54 -15.60 13.67 15.10
CA THR B 54 -15.28 13.44 16.51
C THR B 54 -14.58 12.12 16.62
N ILE B 55 -13.77 12.04 17.66
CA ILE B 55 -13.01 10.86 17.99
C ILE B 55 -13.26 10.64 19.48
N ARG B 56 -13.88 9.51 19.81
CA ARG B 56 -14.49 9.33 21.15
C ARG B 56 -14.00 8.12 21.90
N SER B 57 -13.79 8.27 23.20
CA SER B 57 -13.55 7.13 24.08
C SER B 57 -14.33 7.36 25.36
N LEU B 58 -14.82 6.27 25.95
CA LEU B 58 -15.65 6.33 27.17
C LEU B 58 -16.88 7.19 26.97
N GLY B 59 -17.36 7.28 25.73
CA GLY B 59 -18.49 8.13 25.38
C GLY B 59 -18.24 9.62 25.31
N LYS B 60 -16.98 10.05 25.41
CA LYS B 60 -16.62 11.47 25.36
C LYS B 60 -15.59 11.73 24.25
N CYS B 61 -15.45 12.99 23.89
CA CYS B 61 -14.61 13.42 22.80
C CYS B 61 -13.21 13.91 23.04
N LEU B 62 -12.29 13.41 22.24
CA LEU B 62 -10.91 13.83 22.25
C LEU B 62 -10.95 15.30 21.85
N ALA B 63 -10.19 16.14 22.55
CA ALA B 63 -10.18 17.57 22.30
C ALA B 63 -8.94 18.24 22.87
N THR B 64 -8.52 19.30 22.20
CA THR B 64 -7.50 20.18 22.77
C THR B 64 -8.13 20.93 23.97
N SER B 65 -7.29 21.46 24.85
CA SER B 65 -7.77 22.22 26.04
C SER B 65 -7.41 23.69 26.01
N ALA B 66 -6.78 24.19 24.94
CA ALA B 66 -6.45 25.60 24.80
C ALA B 66 -6.25 25.94 23.35
N LEU B 67 -6.35 27.23 23.02
CA LEU B 67 -6.00 27.75 21.71
C LEU B 67 -4.49 27.73 21.49
N SER B 68 -3.73 28.07 22.53
CA SER B 68 -2.28 28.14 22.44
C SER B 68 -1.67 26.75 22.53
N SER B 69 -0.48 26.58 21.96
CA SER B 69 0.25 25.33 22.03
C SER B 69 0.64 25.01 23.47
N GLY B 70 0.86 23.73 23.75
CA GLY B 70 1.45 23.32 25.01
C GLY B 70 0.52 22.74 26.05
N SER B 71 -0.78 22.81 25.85
CA SER B 71 -1.75 22.27 26.82
C SER B 71 -2.21 20.87 26.47
N ASN B 72 -2.74 20.18 27.48
CA ASN B 72 -3.10 18.77 27.36
C ASN B 72 -4.22 18.56 26.34
N VAL B 73 -4.15 17.42 25.68
CA VAL B 73 -5.31 16.89 25.00
C VAL B 73 -6.09 16.03 26.00
N VAL B 74 -7.40 16.20 25.95
CA VAL B 74 -8.33 15.66 26.95
C VAL B 74 -9.51 14.97 26.29
N ILE B 75 -10.35 14.36 27.12
CA ILE B 75 -11.69 13.99 26.66
C ILE B 75 -12.67 14.89 27.37
N THR B 76 -13.71 15.28 26.65
CA THR B 76 -14.75 16.10 27.23
C THR B 76 -16.10 15.80 26.62
N ASN B 77 -17.12 16.33 27.27
CA ASN B 77 -18.51 16.16 26.86
C ASN B 77 -18.69 16.61 25.44
N CYS B 78 -19.21 15.73 24.61
CA CYS B 78 -19.40 16.03 23.22
C CYS B 78 -20.30 17.20 22.89
N ASP B 79 -21.26 17.51 23.74
CA ASP B 79 -22.16 18.61 23.47
C ASP B 79 -21.45 19.92 23.46
N TYR B 80 -20.39 20.03 24.23
CA TYR B 80 -19.54 21.23 24.23
C TYR B 80 -18.94 21.58 22.87
N LEU B 81 -18.78 20.58 22.00
CA LEU B 81 -18.20 20.75 20.68
C LEU B 81 -19.25 20.81 19.57
N ARG B 82 -20.54 20.94 19.92
CA ARG B 82 -21.64 20.97 18.93
C ARG B 82 -21.40 21.94 17.75
N TYR B 83 -20.74 23.06 18.01
CA TYR B 83 -20.46 24.03 16.96
C TYR B 83 -19.02 23.98 16.52
N ASP B 84 -18.33 22.89 16.81
CA ASP B 84 -16.93 22.78 16.45
C ASP B 84 -16.75 21.87 15.26
N ASP B 85 -15.77 22.18 14.43
CA ASP B 85 -15.53 21.38 13.24
C ASP B 85 -14.75 20.10 13.45
N GLY B 86 -14.16 19.92 14.62
CA GLY B 86 -13.52 18.67 14.94
C GLY B 86 -12.10 18.43 14.49
N TRP B 87 -11.74 17.16 14.36
CA TRP B 87 -10.41 16.74 13.97
C TRP B 87 -10.35 16.43 12.48
N MET B 88 -9.20 16.70 11.89
CA MET B 88 -8.86 16.27 10.55
C MET B 88 -7.53 15.53 10.63
N VAL B 89 -7.50 14.33 10.06
CA VAL B 89 -6.32 13.51 10.04
C VAL B 89 -5.76 13.56 8.61
N SER B 90 -4.51 13.94 8.46
CA SER B 90 -3.88 14.01 7.15
C SER B 90 -3.58 12.58 6.70
N SER B 91 -3.35 12.41 5.40
CA SER B 91 -3.01 11.09 4.88
C SER B 91 -1.72 10.53 5.48
N SER B 92 -0.85 11.38 6.02
CA SER B 92 0.36 10.90 6.69
C SER B 92 0.22 10.71 8.22
N GLY B 93 -0.97 10.82 8.78
CA GLY B 93 -1.23 10.53 10.21
C GLY B 93 -0.99 11.67 11.21
N THR B 94 -1.02 12.90 10.71
CA THR B 94 -1.04 14.09 11.55
C THR B 94 -2.48 14.32 11.97
N MET B 95 -2.72 14.37 13.27
CA MET B 95 -4.07 14.59 13.80
C MET B 95 -4.20 16.04 14.25
N MET B 96 -5.02 16.79 13.51
CA MET B 96 -5.08 18.24 13.65
C MET B 96 -6.46 18.73 14.06
N ASN B 97 -6.48 19.63 15.05
CA ASN B 97 -7.70 20.38 15.35
C ASN B 97 -7.94 21.37 14.20
N LYS B 98 -9.08 21.27 13.53
CA LYS B 98 -9.28 22.05 12.28
C LYS B 98 -9.30 23.57 12.49
N SER B 99 -9.82 23.98 13.64
CA SER B 99 -9.92 25.41 13.97
C SER B 99 -8.59 26.03 14.41
N SER B 100 -7.92 25.42 15.37
CA SER B 100 -6.67 25.96 15.91
C SER B 100 -5.39 25.55 15.18
N HIS B 101 -5.49 24.47 14.39
CA HIS B 101 -4.35 23.83 13.71
C HIS B 101 -3.35 23.13 14.61
N LEU B 102 -3.63 23.01 15.90
CA LEU B 102 -2.74 22.29 16.81
C LEU B 102 -2.86 20.82 16.50
N VAL B 103 -1.75 20.11 16.62
CA VAL B 103 -1.74 18.69 16.33
C VAL B 103 -1.37 17.90 17.58
N LEU B 104 -1.89 16.67 17.63
CA LEU B 104 -1.62 15.72 18.70
C LEU B 104 -0.13 15.39 18.74
N THR B 105 0.48 15.57 19.91
CA THR B 105 1.92 15.49 20.07
C THR B 105 2.28 14.74 21.37
N ALA B 106 3.30 13.89 21.30
CA ALA B 106 3.91 13.27 22.47
C ALA B 106 5.30 13.88 22.69
N ASN B 107 5.40 14.82 23.62
CA ASN B 107 6.71 15.48 23.89
C ASN B 107 7.78 14.63 24.54
N ALA B 108 7.39 13.51 25.12
CA ALA B 108 8.35 12.47 25.52
C ALA B 108 7.85 11.12 25.05
N ALA B 109 8.72 10.12 25.12
CA ALA B 109 8.47 8.77 24.62
C ALA B 109 7.93 7.80 25.70
N THR B 110 8.01 8.20 26.97
CA THR B 110 7.79 7.30 28.09
C THR B 110 6.30 7.08 28.35
N SER B 111 5.96 5.87 28.77
CA SER B 111 4.62 5.60 29.25
C SER B 111 4.17 6.64 30.25
N ARG B 112 2.90 7.04 30.13
CA ARG B 112 2.23 8.05 30.94
C ARG B 112 2.55 9.50 30.58
N THR B 113 3.30 9.71 29.50
CA THR B 113 3.53 11.06 29.00
C THR B 113 2.21 11.69 28.64
N ASN B 114 2.00 12.92 29.08
CA ASN B 114 0.82 13.67 28.70
C ASN B 114 0.87 14.09 27.22
N LEU B 115 -0.18 13.79 26.47
CA LEU B 115 -0.27 14.24 25.09
C LEU B 115 -0.76 15.67 25.09
N THR B 116 -0.18 16.47 24.20
CA THR B 116 -0.48 17.89 24.11
C THR B 116 -0.83 18.32 22.67
N GLY B 117 -1.49 19.46 22.56
CA GLY B 117 -1.75 20.14 21.28
C GLY B 117 -0.61 21.12 21.01
N GLU B 118 0.14 20.88 19.93
CA GLU B 118 1.34 21.67 19.60
C GLU B 118 1.29 22.12 18.13
N ASN B 119 2.12 23.10 17.82
CA ASN B 119 2.28 23.56 16.46
C ASN B 119 2.90 22.46 15.63
N ASN B 120 2.36 22.23 14.44
CA ASN B 120 2.87 21.14 13.58
C ASN B 120 4.22 21.47 12.98
N VAL B 121 5.21 20.65 13.28
CA VAL B 121 6.50 20.70 12.58
C VAL B 121 6.78 19.39 11.85
N PHE B 122 5.79 18.50 11.78
CA PHE B 122 5.92 17.19 11.13
C PHE B 122 6.94 16.29 11.80
N ALA B 123 7.15 16.43 13.11
CA ALA B 123 8.03 15.52 13.81
C ALA B 123 7.40 14.11 13.93
N ALA B 124 8.24 13.10 14.06
CA ALA B 124 7.79 11.74 14.36
C ALA B 124 6.88 11.66 15.62
N LYS B 125 7.15 12.50 16.62
CA LYS B 125 6.33 12.60 17.82
C LYS B 125 4.95 13.23 17.58
N GLN B 126 4.71 13.65 16.34
CA GLN B 126 3.43 14.17 15.89
C GLN B 126 2.79 13.31 14.80
N ALA B 127 3.25 12.07 14.66
CA ALA B 127 2.73 11.09 13.71
C ALA B 127 2.07 9.93 14.44
N TRP B 128 0.93 9.49 13.89
CA TRP B 128 0.07 8.49 14.52
C TRP B 128 -0.45 7.53 13.47
N ARG B 129 -0.61 6.28 13.85
CA ARG B 129 -1.31 5.27 13.10
C ARG B 129 -2.66 5.05 13.78
N ILE B 130 -3.73 5.47 13.11
CA ILE B 130 -5.08 5.09 13.53
C ILE B 130 -5.34 3.69 13.00
N GLY B 131 -5.57 2.76 13.91
CA GLY B 131 -5.79 1.38 13.55
C GLY B 131 -5.68 0.40 14.70
N ASN B 132 -6.42 -0.70 14.59
CA ASN B 132 -6.42 -1.72 15.63
C ASN B 132 -5.12 -2.46 15.75
N TYR B 133 -4.46 -2.69 14.63
CA TYR B 133 -3.19 -3.38 14.61
C TYR B 133 -2.08 -2.34 14.85
N VAL B 134 -1.48 -2.42 16.03
CA VAL B 134 -0.56 -1.39 16.55
C VAL B 134 0.92 -1.80 16.45
N GLU B 135 1.20 -3.02 16.03
CA GLU B 135 2.57 -3.53 16.04
C GLU B 135 3.40 -2.91 14.93
N PRO B 136 4.72 -2.85 15.15
CA PRO B 136 5.59 -2.51 14.04
C PRO B 136 5.47 -3.51 12.93
N ILE B 137 5.52 -3.04 11.69
CA ILE B 137 5.44 -3.92 10.54
C ILE B 137 6.85 -4.20 10.06
N VAL B 138 7.23 -5.46 10.02
CA VAL B 138 8.58 -5.85 9.68
C VAL B 138 8.70 -6.03 8.17
N THR B 139 9.71 -5.41 7.55
CA THR B 139 9.79 -5.38 6.11
C THR B 139 11.20 -5.25 5.56
N THR B 140 11.36 -5.54 4.27
CA THR B 140 12.51 -5.08 3.51
C THR B 140 12.04 -3.88 2.70
N ILE B 141 13.02 -3.05 2.30
CA ILE B 141 12.76 -1.82 1.59
C ILE B 141 13.64 -1.89 0.36
N ILE B 142 13.00 -2.00 -0.79
CA ILE B 142 13.68 -2.29 -2.04
C ILE B 142 13.74 -1.03 -2.86
N GLY B 143 14.91 -0.79 -3.47
CA GLY B 143 15.16 0.44 -4.20
C GLY B 143 15.86 0.17 -5.51
N LEU B 144 16.65 1.16 -5.92
CA LEU B 144 17.32 1.15 -7.20
C LEU B 144 18.11 -0.12 -7.48
N ARG B 145 18.05 -0.59 -8.73
CA ARG B 145 18.67 -1.84 -9.15
C ARG B 145 18.14 -3.08 -8.40
N HIS B 146 16.91 -2.98 -7.89
CA HIS B 146 16.24 -4.08 -7.17
C HIS B 146 17.05 -4.51 -5.93
N MET B 147 17.79 -3.57 -5.35
CA MET B 147 18.59 -3.82 -4.14
C MET B 147 17.79 -3.45 -2.89
N CYS B 148 18.31 -3.88 -1.74
CA CYS B 148 17.65 -3.73 -0.43
C CYS B 148 18.41 -2.73 0.44
N LEU B 149 17.71 -1.88 1.19
CA LEU B 149 18.39 -1.05 2.18
C LEU B 149 18.92 -1.95 3.28
N GLU B 150 20.14 -1.68 3.72
CA GLU B 150 20.80 -2.46 4.75
C GLU B 150 21.43 -1.52 5.79
N ALA B 151 21.29 -1.89 7.06
CA ALA B 151 21.92 -1.18 8.15
C ALA B 151 23.37 -1.63 8.21
N THR B 152 24.29 -0.67 8.16
CA THR B 152 25.72 -0.96 8.05
C THR B 152 26.54 -0.22 9.10
N ASP B 153 27.82 -0.58 9.19
CA ASP B 153 28.78 0.11 10.08
C ASP B 153 28.24 0.15 11.49
N ASN B 154 27.93 -1.03 12.02
CA ASN B 154 27.39 -1.15 13.38
C ASN B 154 26.12 -0.33 13.56
N ASP B 155 25.20 -0.43 12.60
CA ASP B 155 23.93 0.31 12.68
C ASP B 155 24.08 1.80 12.82
N THR B 156 25.04 2.39 12.10
CA THR B 156 25.13 3.84 12.03
C THR B 156 24.89 4.40 10.63
N ASN B 157 25.02 3.58 9.61
CA ASN B 157 24.81 4.01 8.23
C ASN B 157 23.83 3.10 7.52
N VAL B 158 23.45 3.49 6.32
CA VAL B 158 22.47 2.76 5.55
C VAL B 158 22.75 2.96 4.07
N TRP B 159 22.74 1.86 3.33
CA TRP B 159 22.83 1.92 1.86
C TRP B 159 22.27 0.65 1.25
N LEU B 160 22.27 0.60 -0.08
CA LEU B 160 21.74 -0.50 -0.84
C LEU B 160 22.72 -1.64 -1.05
N GLU B 161 22.25 -2.86 -0.84
CA GLU B 161 23.01 -4.06 -1.11
C GLU B 161 22.07 -5.04 -1.78
N SER B 162 22.64 -6.03 -2.46
CA SER B 162 21.84 -7.08 -3.07
C SER B 162 20.99 -7.79 -2.03
N CYS B 163 19.73 -8.03 -2.36
CA CYS B 163 18.76 -8.57 -1.41
C CYS B 163 19.12 -10.03 -1.10
N VAL B 164 19.19 -10.37 0.17
CA VAL B 164 19.47 -11.73 0.63
C VAL B 164 18.42 -12.05 1.69
N LYS B 165 17.60 -13.06 1.41
CA LYS B 165 16.50 -13.46 2.27
C LYS B 165 17.01 -13.69 3.68
N ASN B 166 16.36 -13.13 4.66
CA ASN B 166 16.75 -13.34 6.04
C ASN B 166 18.10 -12.75 6.47
N LYS B 167 18.77 -11.98 5.60
CA LYS B 167 19.97 -11.29 6.03
C LYS B 167 19.45 -10.24 7.01
N THR B 168 19.81 -10.40 8.28
CA THR B 168 19.23 -9.68 9.42
C THR B 168 19.17 -8.18 9.27
N LYS B 169 20.27 -7.57 8.81
CA LYS B 169 20.37 -6.11 8.76
C LYS B 169 19.58 -5.49 7.58
N GLN B 170 18.97 -6.31 6.74
CA GLN B 170 18.09 -5.82 5.67
C GLN B 170 16.61 -5.70 6.07
N TYR B 171 16.29 -5.99 7.33
CA TYR B 171 14.91 -5.92 7.84
C TYR B 171 14.73 -4.67 8.64
N TRP B 172 13.55 -4.05 8.45
CA TRP B 172 13.19 -2.79 9.07
C TRP B 172 11.83 -2.93 9.74
N ALA B 173 11.67 -2.24 10.86
CA ALA B 173 10.41 -2.24 11.59
C ALA B 173 9.78 -0.90 11.41
N LEU B 174 8.64 -0.88 10.70
CA LEU B 174 7.89 0.34 10.45
C LEU B 174 6.96 0.59 11.63
N TYR B 175 7.18 1.67 12.37
CA TYR B 175 6.45 1.98 13.60
C TYR B 175 5.32 2.96 13.34
N SER B 176 4.43 3.04 14.31
CA SER B 176 3.24 3.84 14.22
C SER B 176 3.52 5.35 14.21
N ASP B 177 4.70 5.74 14.66
CA ASP B 177 5.13 7.16 14.59
C ASP B 177 5.88 7.51 13.29
N ASP B 178 5.70 6.71 12.25
CA ASP B 178 6.36 6.90 10.95
C ASP B 178 7.89 6.75 10.98
N THR B 179 8.43 6.11 12.02
CA THR B 179 9.86 5.83 12.08
C THR B 179 10.14 4.52 11.37
N ILE B 180 11.36 4.42 10.84
CA ILE B 180 11.84 3.23 10.17
C ILE B 180 12.99 2.72 11.01
N ARG B 181 12.79 1.61 11.70
CA ARG B 181 13.72 1.19 12.77
C ARG B 181 14.49 -0.03 12.38
N VAL B 182 15.73 -0.11 12.87
CA VAL B 182 16.55 -1.30 12.64
C VAL B 182 15.80 -2.45 13.33
N ASN B 183 15.52 -3.52 12.57
CA ASN B 183 14.59 -4.50 13.08
C ASN B 183 15.10 -5.19 14.37
N ASN B 184 16.39 -5.51 14.43
CA ASN B 184 16.94 -6.10 15.66
C ASN B 184 17.59 -5.11 16.62
N ASN B 185 17.39 -3.83 16.40
CA ASN B 185 17.66 -2.82 17.40
C ASN B 185 16.71 -1.67 17.26
N ARG B 186 15.58 -1.81 17.92
CA ARG B 186 14.46 -0.89 17.75
C ARG B 186 14.53 0.43 18.49
N ASN B 187 15.66 0.69 19.14
CA ASN B 187 16.01 2.02 19.61
C ASN B 187 16.68 2.89 18.55
N LEU B 188 16.98 2.31 17.37
CA LEU B 188 17.68 3.01 16.27
C LEU B 188 16.77 3.20 15.07
N CYS B 189 16.82 4.41 14.50
CA CYS B 189 15.87 4.93 13.51
C CYS B 189 16.66 5.48 12.31
N VAL B 190 16.17 5.25 11.10
CA VAL B 190 16.69 5.95 9.92
C VAL B 190 16.43 7.46 10.06
N SER B 191 17.48 8.24 9.85
CA SER B 191 17.46 9.68 10.13
C SER B 191 18.07 10.48 8.99
N SER B 192 17.41 11.58 8.62
CA SER B 192 17.98 12.55 7.71
C SER B 192 19.11 13.26 8.50
N SER B 193 20.06 13.81 7.75
CA SER B 193 21.23 14.45 8.36
C SER B 193 20.91 15.50 9.42
N THR B 194 21.67 15.48 10.50
CA THR B 194 21.63 16.54 11.53
C THR B 194 22.74 17.58 11.33
N ASP B 195 23.56 17.38 10.29
CA ASP B 195 24.66 18.27 9.90
C ASP B 195 24.27 18.89 8.56
N SER B 196 23.94 20.17 8.64
CA SER B 196 23.75 21.11 7.56
C SER B 196 24.60 20.89 6.31
N SER B 197 25.87 20.56 6.52
CA SER B 197 26.82 20.31 5.44
C SER B 197 26.59 19.03 4.64
N SER B 198 25.84 18.08 5.23
CA SER B 198 25.63 16.77 4.64
C SER B 198 24.14 16.50 4.36
N LYS B 199 23.86 15.92 3.20
CA LYS B 199 22.51 15.43 2.90
C LYS B 199 22.37 13.93 3.20
N LEU B 200 23.40 13.33 3.77
CA LEU B 200 23.45 11.89 3.95
C LEU B 200 22.46 11.37 5.00
N ILE B 201 21.67 10.37 4.61
CA ILE B 201 20.75 9.69 5.51
C ILE B 201 21.54 8.64 6.27
N VAL B 202 21.30 8.58 7.57
CA VAL B 202 22.08 7.77 8.51
C VAL B 202 21.13 7.03 9.48
N ILE B 203 21.70 6.34 10.48
CA ILE B 203 20.92 5.67 11.53
C ILE B 203 21.33 6.26 12.87
N ARG B 204 20.35 6.73 13.63
CA ARG B 204 20.61 7.35 14.92
C ARG B 204 19.59 6.85 15.95
N ARG B 205 19.90 7.11 17.21
CA ARG B 205 19.00 6.83 18.30
C ARG B 205 17.67 7.57 18.08
N CYS B 206 16.56 6.84 18.28
CA CYS B 206 15.24 7.43 18.05
C CYS B 206 15.01 8.57 19.01
N ASP B 207 14.50 9.69 18.49
CA ASP B 207 14.37 10.90 19.30
C ASP B 207 13.13 11.72 19.04
N GLY B 208 12.18 11.18 18.28
CA GLY B 208 10.95 11.87 17.97
C GLY B 208 11.02 13.01 16.97
N SER B 209 12.18 13.22 16.34
CA SER B 209 12.44 14.43 15.55
C SER B 209 11.82 14.37 14.15
N ILE B 210 11.78 15.53 13.53
CA ILE B 210 11.45 15.70 12.09
C ILE B 210 12.32 14.80 11.22
N ASN B 211 13.60 14.66 11.59
CA ASN B 211 14.59 13.90 10.82
C ASN B 211 14.24 12.42 10.67
N GLN B 212 13.41 11.89 11.59
CA GLN B 212 13.14 10.47 11.69
C GLN B 212 11.73 10.08 11.25
N ARG B 213 10.99 11.05 10.72
CA ARG B 213 9.61 10.86 10.31
C ARG B 213 9.57 10.64 8.79
N TRP B 214 9.11 9.45 8.37
CA TRP B 214 9.11 9.03 6.96
C TRP B 214 7.72 8.52 6.53
N VAL B 215 7.27 8.94 5.35
CA VAL B 215 5.96 8.57 4.83
C VAL B 215 6.17 7.84 3.54
N PHE B 216 5.64 6.61 3.49
CA PHE B 216 5.67 5.81 2.28
C PHE B 216 4.50 6.27 1.42
N THR B 217 4.79 7.03 0.37
CA THR B 217 3.72 7.66 -0.40
C THR B 217 3.17 6.67 -1.44
N PRO B 218 1.95 6.92 -1.92
CA PRO B 218 1.39 6.09 -2.99
C PRO B 218 2.15 6.26 -4.32
N GLN B 219 2.84 7.37 -4.52
CA GLN B 219 3.67 7.53 -5.71
C GLN B 219 5.02 6.81 -5.64
N GLY B 220 5.25 6.06 -4.57
CA GLY B 220 6.42 5.21 -4.49
C GLY B 220 7.66 5.85 -3.88
N THR B 221 7.52 7.03 -3.26
CA THR B 221 8.66 7.69 -2.63
C THR B 221 8.62 7.42 -1.12
N ILE B 222 9.75 7.70 -0.48
CA ILE B 222 9.84 7.74 0.98
C ILE B 222 10.10 9.19 1.37
N SER B 223 9.06 9.84 1.85
CA SER B 223 9.04 11.27 2.02
C SER B 223 9.30 11.67 3.47
N ASN B 224 10.09 12.72 3.63
CA ASN B 224 10.19 13.42 4.91
C ASN B 224 9.38 14.69 4.79
N PRO B 225 8.16 14.71 5.36
CA PRO B 225 7.29 15.83 5.01
C PRO B 225 7.73 17.16 5.65
N GLY B 226 8.34 17.13 6.83
CA GLY B 226 8.81 18.37 7.44
C GLY B 226 9.95 19.03 6.65
N TYR B 227 10.79 18.24 6.02
CA TYR B 227 11.85 18.78 5.16
C TYR B 227 11.48 18.83 3.67
N GLU B 228 10.25 18.47 3.33
CA GLU B 228 9.73 18.53 1.95
C GLU B 228 10.69 17.92 0.94
N ALA B 229 11.18 16.74 1.28
CA ALA B 229 12.18 16.05 0.48
C ALA B 229 11.95 14.56 0.58
N VAL B 230 12.69 13.80 -0.22
CA VAL B 230 12.51 12.34 -0.31
C VAL B 230 13.83 11.60 -0.29
N MET B 231 13.82 10.33 0.09
CA MET B 231 15.02 9.50 0.02
C MET B 231 15.43 9.25 -1.40
N ASP B 232 16.71 9.35 -1.65
CA ASP B 232 17.25 9.22 -2.99
C ASP B 232 18.59 8.54 -2.93
N VAL B 233 18.92 7.78 -3.96
CA VAL B 233 20.21 7.12 -4.07
C VAL B 233 21.17 8.16 -4.66
N ALA B 234 22.26 8.47 -3.95
CA ALA B 234 23.23 9.50 -4.43
C ALA B 234 23.65 9.25 -5.86
N GLN B 235 23.51 10.26 -6.71
CA GLN B 235 23.89 10.22 -8.14
C GLN B 235 23.27 9.07 -8.92
N ASN B 236 22.13 8.56 -8.44
CA ASN B 236 21.54 7.33 -8.96
C ASN B 236 22.56 6.21 -9.14
N ASP B 237 23.52 6.13 -8.22
CA ASP B 237 24.55 5.13 -8.30
C ASP B 237 24.62 4.34 -6.99
N VAL B 238 24.14 3.11 -7.03
CA VAL B 238 24.08 2.28 -5.81
C VAL B 238 25.45 1.98 -5.23
N TYR B 239 26.48 1.98 -6.08
CA TYR B 239 27.84 1.67 -5.63
C TYR B 239 28.52 2.78 -4.87
N LEU B 240 27.94 3.98 -4.83
CA LEU B 240 28.44 5.04 -3.96
C LEU B 240 28.10 4.80 -2.49
N LYS B 241 27.17 3.88 -2.22
CA LYS B 241 26.79 3.51 -0.85
C LYS B 241 26.34 4.73 -0.07
N LYS B 242 25.51 5.54 -0.71
CA LYS B 242 25.03 6.78 -0.12
C LYS B 242 23.59 7.01 -0.51
N ILE B 243 22.75 7.11 0.52
CA ILE B 243 21.36 7.51 0.39
C ILE B 243 21.26 8.91 0.94
N VAL B 244 20.59 9.79 0.20
CA VAL B 244 20.48 11.18 0.55
C VAL B 244 19.06 11.66 0.52
N LEU B 245 18.85 12.80 1.15
CA LEU B 245 17.58 13.52 1.11
C LEU B 245 17.62 14.55 -0.02
N SER B 246 16.70 14.45 -0.96
CA SER B 246 16.63 15.36 -2.11
C SER B 246 15.21 15.85 -2.35
N SER B 247 15.09 16.98 -3.03
CA SER B 247 13.81 17.39 -3.62
C SER B 247 13.31 16.34 -4.59
N ALA B 248 12.02 16.03 -4.54
CA ALA B 248 11.42 15.06 -5.45
C ALA B 248 11.62 15.53 -6.90
N THR B 249 12.06 14.62 -7.77
CA THR B 249 12.30 14.89 -9.20
C THR B 249 11.98 13.61 -9.96
N ASP B 250 11.61 13.72 -11.23
CA ASP B 250 11.49 12.50 -12.07
C ASP B 250 12.77 12.11 -12.84
N LYS B 251 13.86 12.79 -12.60
CA LYS B 251 15.06 12.58 -13.38
C LYS B 251 15.64 11.17 -13.44
N GLY B 252 15.67 10.48 -12.32
CA GLY B 252 16.21 9.13 -12.27
C GLY B 252 15.24 8.21 -11.57
N ASN B 253 15.60 6.96 -11.39
CA ASN B 253 14.75 6.02 -10.68
C ASN B 253 15.13 5.90 -9.19
N GLY B 254 16.12 6.68 -8.75
CA GLY B 254 16.64 6.58 -7.39
C GLY B 254 15.71 7.00 -6.26
N GLN B 255 14.57 7.61 -6.59
CA GLN B 255 13.56 8.03 -5.59
C GLN B 255 12.39 7.04 -5.43
N GLN B 256 12.46 5.92 -6.15
CA GLN B 256 11.45 4.88 -6.11
C GLN B 256 11.85 3.74 -5.19
N TRP B 257 10.90 3.37 -4.34
CA TRP B 257 11.11 2.35 -3.33
C TRP B 257 9.88 1.46 -3.24
N THR B 258 10.08 0.23 -2.79
CA THR B 258 9.00 -0.76 -2.58
C THR B 258 9.12 -1.35 -1.16
N VAL B 259 7.99 -1.48 -0.49
CA VAL B 259 7.93 -2.16 0.80
C VAL B 259 7.65 -3.63 0.53
N PHE B 260 8.56 -4.52 0.89
CA PHE B 260 8.35 -5.95 0.71
C PHE B 260 8.28 -6.67 2.06
N TYR B 261 7.08 -7.05 2.45
CA TYR B 261 6.76 -7.52 3.79
C TYR B 261 6.46 -9.02 3.76
C1 NGA C . -7.85 0.34 38.30
C2 NGA C . -7.14 1.48 37.56
C3 NGA C . -7.09 1.15 36.03
C4 NGA C . -6.39 -0.19 35.91
C5 NGA C . -7.26 -1.21 36.60
C6 NGA C . -6.62 -2.58 36.46
C7 NGA C . -7.39 3.85 37.91
C8 NGA C . -8.30 4.97 37.53
N2 NGA C . -7.90 2.65 37.84
O1 NGA C . -7.74 0.50 39.69
O3 NGA C . -6.79 2.17 35.03
O4 NGA C . -5.25 -0.23 36.71
O5 NGA C . -7.32 -0.93 38.00
O6 NGA C . -6.18 -2.76 35.13
O7 NGA C . -6.25 4.03 38.30
C1 GAL C . -5.59 2.14 34.19
C2 GAL C . -5.91 1.94 32.68
C3 GAL C . -4.69 2.19 31.73
C4 GAL C . -3.87 3.44 32.09
C5 GAL C . -3.57 3.42 33.60
C6 GAL C . -2.85 4.68 34.03
O2 GAL C . -6.33 0.59 32.42
O3 GAL C . -5.13 2.25 30.35
O4 GAL C . -4.56 4.64 31.76
O5 GAL C . -4.81 3.32 34.33
O6 GAL C . -2.05 4.42 35.19
C1 NAG D . -10.11 22.70 18.63
C2 NAG D . -11.17 22.24 19.63
C3 NAG D . -12.23 23.31 19.93
C4 NAG D . -11.63 24.67 20.25
C5 NAG D . -10.63 25.00 19.16
C6 NAG D . -9.95 26.32 19.46
C7 NAG D . -11.34 19.86 19.29
C8 NAG D . -12.21 18.78 18.77
N2 NAG D . -11.84 21.06 19.18
O3 NAG D . -12.97 22.87 21.04
O4 NAG D . -12.67 25.64 20.31
O5 NAG D . -9.65 23.98 19.01
O6 NAG D . -9.01 26.24 20.51
O7 NAG D . -10.29 19.63 19.77
C1 NAG D . -12.96 26.13 21.61
C2 NAG D . -13.60 27.50 21.54
C3 NAG D . -13.99 28.00 22.93
C4 NAG D . -14.71 26.96 23.73
C5 NAG D . -13.97 25.65 23.67
C6 NAG D . -14.78 24.62 24.42
C7 NAG D . -12.80 28.84 19.74
C8 NAG D . -11.91 29.96 19.34
N2 NAG D . -12.68 28.41 20.97
O3 NAG D . -14.87 29.11 22.82
O4 NAG D . -14.86 27.36 25.09
O5 NAG D . -13.85 25.29 22.30
O6 NAG D . -15.90 24.27 23.63
O7 NAG D . -13.57 28.36 18.97
C1 NAG E . 0.22 16.03 33.03
C2 NAG E . 1.19 16.65 34.01
C3 NAG E . 0.59 16.82 35.41
C4 NAG E . -0.68 17.60 35.31
C5 NAG E . -1.62 16.78 34.43
C6 NAG E . -2.94 17.45 34.27
C7 NAG E . 3.46 16.06 33.55
C8 NAG E . 4.39 14.92 33.64
N2 NAG E . 2.29 15.76 34.05
O3 NAG E . 1.40 17.58 36.24
O4 NAG E . -1.18 17.91 36.62
O5 NAG E . -1.06 16.59 33.14
O6 NAG E . -2.69 18.78 33.95
O7 NAG E . 3.78 17.11 33.06
C1 FUC E . 2.14 16.74 37.11
C2 FUC E . 3.40 17.44 37.50
C3 FUC E . 2.98 18.64 38.33
C4 FUC E . 2.29 18.17 39.57
C5 FUC E . 1.05 17.43 39.11
C6 FUC E . 0.21 16.91 40.28
O2 FUC E . 4.10 17.84 36.35
O3 FUC E . 4.07 19.43 38.68
O4 FUC E . 3.15 17.29 40.29
O5 FUC E . 1.45 16.37 38.29
C1 NAG F . -1.53 18.78 37.14
C2 NAG F . -2.44 18.82 38.38
C3 NAG F . -2.63 20.24 38.94
C4 NAG F . -1.40 21.07 39.01
C5 NAG F . -0.81 21.03 37.62
C6 NAG F . 0.39 21.93 37.58
C7 NAG F . -4.07 17.04 38.30
C8 NAG F . -5.47 16.70 37.95
N2 NAG F . -3.77 18.30 38.14
O3 NAG F . -3.15 20.11 40.25
O4 NAG F . -1.81 22.39 39.33
O5 NAG F . -0.46 19.69 37.28
O6 NAG F . 0.83 22.10 36.24
O7 NAG F . -3.29 16.21 38.65
C1 BMA F . -1.00 22.88 40.41
C2 BMA F . -0.54 24.30 40.10
C3 BMA F . 0.30 24.85 41.25
C4 BMA F . -0.39 24.65 42.58
C5 BMA F . -0.87 23.21 42.74
C6 BMA F . -1.62 23.03 44.05
O2 BMA F . -1.68 25.14 39.90
O3 BMA F . 0.53 26.25 41.03
O4 BMA F . 0.52 24.98 43.65
O5 BMA F . -1.71 22.87 41.65
O6 BMA F . -3.00 23.39 43.87
C1 NAG G . -20.14 -16.00 -14.13
C2 NAG G . -21.03 -17.03 -13.46
C3 NAG G . -22.50 -16.64 -13.50
C4 NAG G . -22.68 -15.25 -12.99
C5 NAG G . -21.85 -14.33 -13.84
C6 NAG G . -22.00 -12.91 -13.34
C7 NAG G . -20.08 -19.24 -13.92
C8 NAG G . -19.99 -20.33 -14.94
N2 NAG G . -20.93 -18.27 -14.20
O3 NAG G . -23.27 -17.52 -12.69
O4 NAG G . -24.05 -14.92 -13.15
O5 NAG G . -20.48 -14.71 -13.71
O6 NAG G . -21.73 -12.04 -14.43
O7 NAG G . -19.42 -19.25 -12.91
C1 GOL H . -10.84 -11.43 -10.61
O1 GOL H . -10.16 -12.65 -10.53
C2 GOL H . -10.26 -10.86 -11.85
O2 GOL H . -9.56 -11.93 -12.39
C3 GOL H . -11.43 -10.44 -12.74
O3 GOL H . -11.23 -9.15 -13.28
C1 XYP I . -2.64 25.42 38.63
C2 XYP I . -4.20 25.36 38.58
C3 XYP I . -4.79 25.59 37.13
C4 XYP I . -4.16 26.84 36.47
C5 XYP I . -2.66 26.95 36.76
O2 XYP I . -4.72 24.10 39.09
O3 XYP I . -6.21 25.76 37.20
O4 XYP I . -4.43 26.79 35.07
O5 XYP I . -2.39 26.76 38.15
C1 MAN J . -4.44 23.80 44.65
C2 MAN J . -5.86 24.34 44.47
C3 MAN J . -5.91 25.84 44.64
C4 MAN J . -5.20 26.27 45.92
C5 MAN J . -3.82 25.62 46.02
C6 MAN J . -3.14 25.98 47.33
O2 MAN J . -6.73 23.71 45.42
O3 MAN J . -7.26 26.28 44.68
O4 MAN J . -5.06 27.69 45.94
O5 MAN J . -3.95 24.20 45.93
O6 MAN J . -1.78 26.37 47.08
#